data_1IR5
#
_entry.id   1IR5
#
_cell.length_a   ?
_cell.length_b   ?
_cell.length_c   ?
_cell.angle_alpha   ?
_cell.angle_beta   ?
_cell.angle_gamma   ?
#
loop_
_entity.id
_entity.type
_entity.pdbx_description
1 polymer "5'-D(*CP*AP*CP*TP*AP*CP*TP*CP*TP*TP*TP*GP*TP*AP*GP*TP*G)-3'"
2 polymer "5'-D(*CP*AP*CP*TP*AP*CP*AP*AP*AP*GP*AP*GP*TP*AP*GP*TP*G)-3'"
#
loop_
_entity_poly.entity_id
_entity_poly.type
_entity_poly.pdbx_seq_one_letter_code
_entity_poly.pdbx_strand_id
1 'polydeoxyribonucleotide' (DC)(DA)(DC)(DT)(DA)(DC)(DT)(DC)(DT)(DT)(DT)(DG)(DT)(DA)(DG)(DT)(DG) A
2 'polydeoxyribonucleotide' (DC)(DA)(DC)(DT)(DA)(DC)(DA)(DA)(DA)(DG)(DA)(DG)(DT)(DA)(DG)(DT)(DG) B
#
loop_
_chem_comp.id
_chem_comp.type
_chem_comp.name
_chem_comp.formula
DA DNA linking 2'-DEOXYADENOSINE-5'-MONOPHOSPHATE 'C10 H14 N5 O6 P'
DC DNA linking 2'-DEOXYCYTIDINE-5'-MONOPHOSPHATE 'C9 H14 N3 O7 P'
DG DNA linking 2'-DEOXYGUANOSINE-5'-MONOPHOSPHATE 'C10 H14 N5 O7 P'
DT DNA linking THYMIDINE-5'-MONOPHOSPHATE 'C10 H15 N2 O8 P'
#